data_5B15
#
_entry.id   5B15
#
_cell.length_a   37.010
_cell.length_b   40.920
_cell.length_c   45.320
_cell.angle_alpha   107.57
_cell.angle_beta   102.56
_cell.angle_gamma   107.01
#
_symmetry.space_group_name_H-M   'P 1'
#
loop_
_entity.id
_entity.type
_entity.pdbx_description
1 polymer Metallo-beta-lactamase
2 non-polymer 'ZINC ION'
3 non-polymer 'SODIUM ION'
4 non-polymer 'SULFATE ION'
5 non-polymer '(2~{S},3~{R},4~{S})-2-[(2~{S},3~{R})-1,3-bis(oxidanyl)-1-oxidanylidene-butan-2-yl]-3-methyl-4-[(3~{S},5~{S})-5-[(sulfamoylamino)methyl]pyrrolidin-3-yl]sulfanyl-3,4-dihydro-2~{H}-pyrrole-5-carboxylic acid'
6 water water
#
_entity_poly.entity_id   1
_entity_poly.type   'polypeptide(L)'
_entity_poly.pdbx_seq_one_letter_code
;QDRDWSSPQQPFTIYGNTHYVGTGGISAVLLSSPQGHILVDGTTEKGAQVVAANIRAMGFKLSDVKYILSTHSHEDHAGG
ISAMQKLTGATVLAGAANVDTLRTGVSPKSDPQFGSLSNFPGSAKVRAVADGELVKLGPLAVKAHATPGHTEGGITWTWQ
SCEQGKCKDVVFADSLTAVSADSYRFSDHPEVVASLRGSFEAVEKLSCDIAIAAHPEVNDMWTRQQRAAKEGNSAYVDNG
ACRAIAAAGRKRLETRLASEKR
;
_entity_poly.pdbx_strand_id   A
#
# COMPACT_ATOMS: atom_id res chain seq x y z
N ARG A 3 17.47 -0.27 -5.65
CA ARG A 3 16.09 -0.36 -5.10
C ARG A 3 15.73 0.95 -4.40
N ASP A 4 16.10 2.08 -5.01
CA ASP A 4 15.62 3.38 -4.60
C ASP A 4 14.12 3.51 -4.91
N TRP A 5 13.51 4.49 -4.24
CA TRP A 5 12.08 4.68 -4.37
C TRP A 5 11.60 4.84 -5.78
N SER A 6 12.42 5.46 -6.64
CA SER A 6 12.00 5.73 -8.00
C SER A 6 12.62 4.79 -9.04
N SER A 7 13.31 3.75 -8.59
CA SER A 7 14.08 2.94 -9.52
C SER A 7 13.18 2.18 -10.47
N PRO A 8 13.58 2.05 -11.73
CA PRO A 8 12.90 1.08 -12.59
C PRO A 8 12.92 -0.32 -12.03
N GLN A 9 11.90 -1.12 -12.36
CA GLN A 9 11.76 -2.47 -11.90
C GLN A 9 10.86 -3.22 -12.89
N GLN A 10 11.35 -4.28 -13.49
CA GLN A 10 10.56 -5.05 -14.45
C GLN A 10 9.34 -5.61 -13.72
N PRO A 11 8.13 -5.37 -14.28
CA PRO A 11 6.93 -5.84 -13.56
C PRO A 11 6.78 -7.34 -13.70
N PHE A 12 5.93 -7.92 -12.86
CA PHE A 12 5.78 -9.35 -12.78
C PHE A 12 4.45 -9.69 -12.19
N THR A 13 3.88 -10.83 -12.59
CA THR A 13 2.65 -11.30 -12.00
C THR A 13 2.95 -12.05 -10.74
N ILE A 14 2.28 -11.69 -9.67
CA ILE A 14 2.43 -12.39 -8.39
C ILE A 14 1.46 -13.57 -8.31
N TYR A 15 0.20 -13.37 -8.65
CA TYR A 15 -0.78 -14.49 -8.63
C TYR A 15 -2.00 -14.08 -9.44
N GLY A 16 -2.39 -14.86 -10.43
CA GLY A 16 -3.62 -14.60 -11.18
C GLY A 16 -3.55 -13.23 -11.82
N ASN A 17 -4.49 -12.36 -11.44
CA ASN A 17 -4.61 -11.02 -11.97
C ASN A 17 -4.01 -9.93 -11.07
N THR A 18 -3.14 -10.34 -10.15
CA THR A 18 -2.40 -9.43 -9.27
C THR A 18 -1.01 -9.32 -9.85
N HIS A 19 -0.63 -8.11 -10.25
CA HIS A 19 0.67 -7.82 -10.89
C HIS A 19 1.43 -6.76 -10.10
N TYR A 20 2.70 -7.00 -9.81
CA TYR A 20 3.59 -5.95 -9.29
C TYR A 20 4.01 -5.03 -10.40
N VAL A 21 3.73 -3.75 -10.23
CA VAL A 21 4.06 -2.69 -11.20
C VAL A 21 4.80 -1.52 -10.59
N GLY A 22 5.29 -1.68 -9.35
CA GLY A 22 5.96 -0.61 -8.65
C GLY A 22 7.43 -0.45 -9.07
N THR A 23 8.14 0.30 -8.23
CA THR A 23 9.56 0.57 -8.46
C THR A 23 10.40 -0.47 -7.72
N GLY A 24 11.72 -0.33 -7.80
CA GLY A 24 12.58 -1.24 -7.06
C GLY A 24 12.42 -1.12 -5.54
N GLY A 25 11.99 0.05 -5.08
CA GLY A 25 11.89 0.37 -3.65
C GLY A 25 10.49 0.46 -3.07
N ILE A 26 9.48 0.68 -3.91
CA ILE A 26 8.13 0.94 -3.41
C ILE A 26 7.12 0.11 -4.20
N SER A 27 6.27 -0.61 -3.48
CA SER A 27 5.23 -1.40 -4.13
C SER A 27 4.17 -0.59 -4.82
N ALA A 28 3.72 -1.08 -5.96
CA ALA A 28 2.45 -0.69 -6.55
C ALA A 28 1.91 -1.95 -7.17
N VAL A 29 0.59 -2.11 -7.19
CA VAL A 29 -0.01 -3.31 -7.75
C VAL A 29 -1.11 -2.96 -8.72
N LEU A 30 -1.13 -3.64 -9.85
CA LEU A 30 -2.26 -3.58 -10.79
C LEU A 30 -3.08 -4.85 -10.63
N LEU A 31 -4.36 -4.66 -10.30
CA LEU A 31 -5.33 -5.73 -10.23
C LEU A 31 -6.15 -5.63 -11.52
N SER A 32 -5.99 -6.58 -12.45
CA SER A 32 -6.52 -6.43 -13.80
C SER A 32 -7.82 -7.17 -14.02
N SER A 33 -8.60 -6.64 -14.96
CA SER A 33 -9.77 -7.39 -15.46
C SER A 33 -10.08 -6.95 -16.86
N PRO A 34 -10.95 -7.74 -17.55
CA PRO A 34 -11.36 -7.37 -18.90
C PRO A 34 -12.24 -6.11 -18.92
N GLN A 35 -12.80 -5.73 -17.77
CA GLN A 35 -13.65 -4.53 -17.68
C GLN A 35 -12.92 -3.31 -17.15
N GLY A 36 -11.62 -3.46 -16.92
CA GLY A 36 -10.82 -2.37 -16.37
C GLY A 36 -10.10 -2.76 -15.10
N HIS A 37 -9.22 -1.89 -14.64
CA HIS A 37 -8.20 -2.26 -13.66
C HIS A 37 -8.24 -1.34 -12.46
N ILE A 38 -7.64 -1.81 -11.37
CA ILE A 38 -7.40 -1.04 -10.16
C ILE A 38 -5.91 -0.97 -9.89
N LEU A 39 -5.36 0.21 -9.65
CA LEU A 39 -3.97 0.39 -9.28
C LEU A 39 -3.92 0.69 -7.81
N VAL A 40 -3.04 0.00 -7.09
CA VAL A 40 -2.79 0.33 -5.70
C VAL A 40 -1.45 1.04 -5.54
N ASP A 41 -1.53 2.31 -5.10
CA ASP A 41 -0.41 3.22 -4.90
C ASP A 41 0.24 3.72 -6.18
N GLY A 42 0.98 4.82 -6.06
CA GLY A 42 1.64 5.50 -7.18
C GLY A 42 3.15 5.54 -7.15
N THR A 43 3.75 5.16 -6.03
CA THR A 43 5.17 5.41 -5.74
C THR A 43 5.41 6.91 -5.69
N THR A 44 6.62 7.33 -6.09
CA THR A 44 7.02 8.73 -6.05
C THR A 44 6.56 9.47 -7.28
N GLU A 45 6.77 10.78 -7.33
CA GLU A 45 6.45 11.54 -8.51
C GLU A 45 7.27 11.05 -9.74
N LYS A 46 8.58 10.89 -9.57
CA LYS A 46 9.42 10.30 -10.63
C LYS A 46 8.99 8.87 -10.94
N GLY A 47 8.63 8.13 -9.90
CA GLY A 47 8.22 6.76 -10.03
C GLY A 47 6.97 6.54 -10.85
N ALA A 48 6.11 7.55 -10.93
CA ALA A 48 4.91 7.42 -11.75
C ALA A 48 5.26 7.00 -13.18
N GLN A 49 6.37 7.52 -13.71
CA GLN A 49 6.76 7.18 -15.07
C GLN A 49 7.12 5.71 -15.21
N VAL A 50 7.74 5.18 -14.15
CA VAL A 50 8.01 3.75 -14.03
C VAL A 50 6.71 2.91 -13.97
N VAL A 51 5.84 3.27 -13.05
CA VAL A 51 4.56 2.56 -12.91
C VAL A 51 3.77 2.55 -14.22
N ALA A 52 3.72 3.70 -14.92
CA ALA A 52 2.93 3.76 -16.16
C ALA A 52 3.53 2.84 -17.22
N ALA A 53 4.86 2.88 -17.36
CA ALA A 53 5.54 2.00 -18.32
C ALA A 53 5.34 0.52 -17.96
N ASN A 54 5.40 0.25 -16.65
CA ASN A 54 5.18 -1.11 -16.16
C ASN A 54 3.79 -1.64 -16.47
N ILE A 55 2.74 -0.83 -16.27
CA ILE A 55 1.37 -1.25 -16.62
C ILE A 55 1.28 -1.58 -18.09
N ARG A 56 1.86 -0.73 -18.91
CA ARG A 56 1.87 -1.03 -20.34
C ARG A 56 2.66 -2.27 -20.69
N ALA A 57 3.80 -2.49 -20.00
CA ALA A 57 4.60 -3.70 -20.26
C ALA A 57 3.87 -4.97 -19.91
N MET A 58 2.92 -4.90 -18.97
CA MET A 58 2.09 -6.06 -18.64
C MET A 58 0.91 -6.24 -19.57
N GLY A 59 0.81 -5.40 -20.59
CA GLY A 59 -0.19 -5.55 -21.65
C GLY A 59 -1.42 -4.70 -21.48
N PHE A 60 -1.44 -3.76 -20.55
CA PHE A 60 -2.66 -3.05 -20.16
C PHE A 60 -2.58 -1.59 -20.60
N LYS A 61 -3.76 -0.97 -20.78
CA LYS A 61 -3.86 0.42 -21.17
C LYS A 61 -4.08 1.29 -19.93
N LEU A 62 -3.38 2.41 -19.84
CA LEU A 62 -3.60 3.33 -18.74
C LEU A 62 -5.05 3.81 -18.66
N SER A 63 -5.66 4.04 -19.80
CA SER A 63 -7.05 4.51 -19.84
C SER A 63 -8.05 3.54 -19.22
N ASP A 64 -7.65 2.27 -19.07
CA ASP A 64 -8.50 1.26 -18.47
C ASP A 64 -8.33 1.18 -16.95
N VAL A 65 -7.43 1.97 -16.37
CA VAL A 65 -7.30 2.00 -14.90
C VAL A 65 -8.38 2.93 -14.36
N LYS A 66 -9.32 2.39 -13.61
CA LYS A 66 -10.50 3.14 -13.18
C LYS A 66 -10.45 3.70 -11.79
N TYR A 67 -9.69 3.01 -10.92
CA TYR A 67 -9.47 3.46 -9.55
C TYR A 67 -7.98 3.38 -9.21
N ILE A 68 -7.50 4.36 -8.44
CA ILE A 68 -6.18 4.30 -7.75
C ILE A 68 -6.49 4.29 -6.27
N LEU A 69 -6.02 3.24 -5.58
CA LEU A 69 -6.22 3.09 -4.15
C LEU A 69 -4.96 3.51 -3.44
N SER A 70 -5.07 4.36 -2.45
CA SER A 70 -3.95 4.82 -1.65
C SER A 70 -3.84 4.10 -0.32
N THR A 71 -2.66 3.59 0.01
CA THR A 71 -2.39 3.13 1.37
C THR A 71 -2.30 4.33 2.30
N HIS A 72 -1.28 5.15 2.09
CA HIS A 72 -1.21 6.39 2.87
C HIS A 72 -0.46 7.48 2.14
N SER A 73 -0.60 8.69 2.68
CA SER A 73 -0.34 9.95 1.98
C SER A 73 1.04 10.52 2.31
N HIS A 74 2.10 9.74 2.02
CA HIS A 74 3.48 10.26 2.05
C HIS A 74 4.07 10.17 0.65
N GLU A 75 5.12 10.95 0.42
CA GLU A 75 5.69 11.12 -0.90
C GLU A 75 6.15 9.83 -1.52
N ASP A 76 6.61 8.87 -0.72
CA ASP A 76 7.14 7.62 -1.28
C ASP A 76 6.08 6.67 -1.85
N HIS A 77 4.87 6.71 -1.30
CA HIS A 77 3.77 5.85 -1.79
C HIS A 77 2.78 6.60 -2.66
N ALA A 78 2.57 7.88 -2.36
CA ALA A 78 1.51 8.69 -2.97
C ALA A 78 2.05 9.76 -3.90
N GLY A 79 3.36 9.99 -3.93
CA GLY A 79 3.90 11.08 -4.74
C GLY A 79 3.58 10.96 -6.20
N GLY A 80 3.43 9.73 -6.71
CA GLY A 80 3.09 9.47 -8.09
C GLY A 80 1.60 9.41 -8.40
N ILE A 81 0.74 9.51 -7.37
CA ILE A 81 -0.67 9.31 -7.61
C ILE A 81 -1.20 10.40 -8.51
N SER A 82 -0.80 11.65 -8.31
CA SER A 82 -1.38 12.73 -9.14
C SER A 82 -1.10 12.52 -10.59
N ALA A 83 0.15 12.18 -10.89
CA ALA A 83 0.51 11.93 -12.28
C ALA A 83 -0.23 10.76 -12.85
N MET A 84 -0.33 9.68 -12.09
CA MET A 84 -1.07 8.50 -12.54
C MET A 84 -2.55 8.83 -12.75
N GLN A 85 -3.11 9.64 -11.87
CA GLN A 85 -4.51 10.05 -12.00
C GLN A 85 -4.72 10.80 -13.34
N LYS A 86 -3.80 11.70 -13.68
CA LYS A 86 -3.93 12.45 -14.94
C LYS A 86 -3.80 11.51 -16.13
N LEU A 87 -2.87 10.56 -16.06
CA LEU A 87 -2.64 9.66 -17.18
C LEU A 87 -3.80 8.69 -17.41
N THR A 88 -4.55 8.37 -16.36
CA THR A 88 -5.56 7.32 -16.42
C THR A 88 -6.98 7.89 -16.50
N GLY A 89 -7.22 9.01 -15.81
CA GLY A 89 -8.58 9.48 -15.53
C GLY A 89 -9.26 8.78 -14.38
N ALA A 90 -8.48 8.05 -13.57
CA ALA A 90 -9.05 7.26 -12.49
C ALA A 90 -9.50 8.13 -11.32
N THR A 91 -10.37 7.56 -10.51
CA THR A 91 -10.74 8.15 -9.23
C THR A 91 -9.78 7.61 -8.17
N VAL A 92 -9.32 8.49 -7.28
CA VAL A 92 -8.43 8.13 -6.19
C VAL A 92 -9.21 7.88 -4.92
N LEU A 93 -9.03 6.72 -4.29
CA LEU A 93 -9.76 6.39 -3.06
C LEU A 93 -8.80 6.27 -1.91
N ALA A 94 -9.16 6.82 -0.75
CA ALA A 94 -8.30 6.86 0.42
C ALA A 94 -9.12 6.94 1.70
N GLY A 95 -8.48 6.63 2.82
CA GLY A 95 -9.08 6.86 4.13
C GLY A 95 -9.42 8.33 4.29
N ALA A 96 -10.51 8.58 5.02
CA ALA A 96 -11.07 9.91 5.15
C ALA A 96 -10.06 10.92 5.59
N ALA A 97 -9.25 10.56 6.58
CA ALA A 97 -8.34 11.53 7.20
C ALA A 97 -7.10 11.85 6.36
N ASN A 98 -6.87 11.06 5.29
CA ASN A 98 -5.79 11.37 4.35
C ASN A 98 -6.24 12.05 3.05
N VAL A 99 -7.54 12.22 2.85
CA VAL A 99 -8.03 12.85 1.62
C VAL A 99 -7.41 14.24 1.37
N ASP A 100 -7.39 15.07 2.41
CA ASP A 100 -6.88 16.44 2.26
CA ASP A 100 -6.89 16.43 2.24
C ASP A 100 -5.40 16.44 1.89
N THR A 101 -4.63 15.54 2.48
CA THR A 101 -3.21 15.45 2.17
C THR A 101 -3.00 15.01 0.72
N LEU A 102 -3.79 14.06 0.23
CA LEU A 102 -3.63 13.63 -1.16
C LEU A 102 -3.97 14.79 -2.12
N ARG A 103 -4.93 15.62 -1.73
CA ARG A 103 -5.31 16.76 -2.59
C ARG A 103 -4.26 17.84 -2.61
N THR A 104 -3.62 18.10 -1.48
CA THR A 104 -2.69 19.24 -1.35
C THR A 104 -1.20 18.84 -1.49
N GLY A 105 -0.91 17.57 -1.22
CA GLY A 105 0.45 17.09 -1.11
C GLY A 105 1.19 17.47 0.15
N VAL A 106 0.48 17.96 1.16
CA VAL A 106 1.09 18.43 2.40
C VAL A 106 0.51 17.63 3.58
N SER A 107 1.37 16.95 4.32
CA SER A 107 0.92 16.17 5.49
C SER A 107 0.71 17.15 6.67
N PRO A 108 -0.26 16.86 7.55
CA PRO A 108 -0.62 17.78 8.64
C PRO A 108 0.23 17.62 9.86
N LYS A 109 0.05 18.54 10.82
CA LYS A 109 0.79 18.50 12.07
C LYS A 109 0.47 17.27 12.92
N SER A 110 -0.63 16.58 12.68
CA SER A 110 -0.93 15.41 13.48
C SER A 110 0.01 14.23 13.08
N ASP A 111 0.70 14.33 11.95
CA ASP A 111 1.60 13.24 11.50
C ASP A 111 2.86 13.22 12.36
N PRO A 112 3.24 12.05 12.95
CA PRO A 112 4.46 11.97 13.74
C PRO A 112 5.70 12.48 13.04
N GLN A 113 5.77 12.34 11.70
CA GLN A 113 6.89 12.81 10.95
C GLN A 113 6.79 14.28 10.52
N PHE A 114 5.75 14.99 10.99
CA PHE A 114 5.55 16.44 10.61
C PHE A 114 6.74 17.21 11.10
N GLY A 115 7.30 18.01 10.19
CA GLY A 115 8.57 18.67 10.42
C GLY A 115 9.71 18.05 9.63
N SER A 116 9.52 16.85 9.09
CA SER A 116 10.56 16.08 8.41
C SER A 116 10.13 15.46 7.08
N LEU A 117 8.87 15.65 6.72
CA LEU A 117 8.34 15.11 5.46
C LEU A 117 8.54 16.10 4.32
N SER A 118 8.65 15.60 3.10
CA SER A 118 8.65 16.47 1.94
C SER A 118 7.32 16.42 1.23
N ASN A 119 6.86 17.58 0.78
CA ASN A 119 5.59 17.67 0.11
C ASN A 119 5.66 16.97 -1.23
N PHE A 120 4.51 16.67 -1.80
CA PHE A 120 4.47 15.97 -3.09
C PHE A 120 3.28 16.52 -3.92
N PRO A 121 3.15 16.12 -5.19
CA PRO A 121 2.12 16.77 -6.01
C PRO A 121 0.71 16.42 -5.56
N GLY A 122 -0.15 17.40 -5.39
CA GLY A 122 -1.53 17.15 -5.10
C GLY A 122 -2.25 16.47 -6.25
N SER A 123 -3.19 15.60 -5.91
CA SER A 123 -4.02 14.91 -6.88
C SER A 123 -5.43 15.49 -7.00
N ALA A 124 -6.01 15.35 -8.19
CA ALA A 124 -7.42 15.52 -8.44
C ALA A 124 -8.21 14.25 -8.10
N LYS A 125 -9.53 14.36 -8.08
CA LYS A 125 -10.47 13.26 -8.03
C LYS A 125 -10.23 12.33 -6.83
N VAL A 126 -10.02 12.90 -5.66
CA VAL A 126 -9.79 12.15 -4.44
C VAL A 126 -11.11 11.99 -3.67
N ARG A 127 -11.44 10.78 -3.27
CA ARG A 127 -12.67 10.47 -2.53
C ARG A 127 -12.37 9.59 -1.33
N ALA A 128 -13.19 9.67 -0.30
CA ALA A 128 -13.01 8.87 0.90
C ALA A 128 -13.67 7.52 0.78
N VAL A 129 -13.10 6.52 1.46
CA VAL A 129 -13.74 5.22 1.75
C VAL A 129 -13.70 4.98 3.24
N ALA A 130 -14.66 4.20 3.71
CA ALA A 130 -14.76 3.84 5.13
C ALA A 130 -14.13 2.50 5.41
N ASP A 131 -13.88 2.24 6.69
CA ASP A 131 -13.46 0.93 7.14
C ASP A 131 -14.47 -0.13 6.71
N GLY A 132 -14.00 -1.20 6.08
CA GLY A 132 -14.86 -2.28 5.66
C GLY A 132 -15.52 -2.10 4.32
N GLU A 133 -15.34 -0.95 3.68
CA GLU A 133 -16.08 -0.68 2.46
C GLU A 133 -15.53 -1.51 1.27
N LEU A 134 -16.41 -1.90 0.37
CA LEU A 134 -16.04 -2.63 -0.83
C LEU A 134 -15.91 -1.68 -1.99
N VAL A 135 -14.86 -1.83 -2.77
CA VAL A 135 -14.67 -1.11 -4.03
C VAL A 135 -14.88 -2.15 -5.11
N LYS A 136 -15.82 -1.90 -6.02
CA LYS A 136 -16.18 -2.81 -7.05
C LYS A 136 -15.85 -2.23 -8.42
N LEU A 137 -15.36 -3.09 -9.32
CA LEU A 137 -15.17 -2.71 -10.71
C LEU A 137 -15.25 -3.95 -11.55
N GLY A 138 -16.33 -4.08 -12.32
CA GLY A 138 -16.56 -5.36 -12.98
C GLY A 138 -16.50 -6.53 -12.01
N PRO A 139 -15.68 -7.56 -12.33
CA PRO A 139 -15.54 -8.69 -11.43
C PRO A 139 -14.62 -8.46 -10.22
N LEU A 140 -14.02 -7.28 -10.14
CA LEU A 140 -13.08 -6.97 -9.05
C LEU A 140 -13.80 -6.49 -7.81
N ALA A 141 -13.32 -6.93 -6.66
CA ALA A 141 -13.89 -6.56 -5.38
C ALA A 141 -12.80 -6.42 -4.34
N VAL A 142 -12.49 -5.18 -4.00
CA VAL A 142 -11.41 -4.87 -3.09
C VAL A 142 -11.96 -4.25 -1.82
N LYS A 143 -11.56 -4.75 -0.67
CA LYS A 143 -12.06 -4.25 0.62
C LYS A 143 -11.04 -3.33 1.27
N ALA A 144 -11.51 -2.19 1.81
CA ALA A 144 -10.71 -1.26 2.59
C ALA A 144 -10.76 -1.70 4.05
N HIS A 145 -9.59 -1.73 4.69
CA HIS A 145 -9.46 -1.92 6.12
C HIS A 145 -8.70 -0.75 6.74
N ALA A 146 -9.32 -0.02 7.67
CA ALA A 146 -8.64 1.07 8.30
C ALA A 146 -7.47 0.52 9.10
N THR A 147 -6.29 1.03 8.77
CA THR A 147 -5.07 0.72 9.50
C THR A 147 -4.31 1.99 9.81
N PRO A 148 -4.84 2.87 10.68
CA PRO A 148 -4.18 4.11 11.08
C PRO A 148 -3.00 3.91 12.01
N GLY A 149 -2.19 4.95 12.12
CA GLY A 149 -1.12 4.99 13.08
C GLY A 149 0.12 5.65 12.53
N HIS A 150 0.56 5.12 11.39
CA HIS A 150 1.62 5.76 10.62
C HIS A 150 1.06 7.06 9.94
N THR A 151 -0.22 7.02 9.55
CA THR A 151 -0.99 8.23 9.19
C THR A 151 -2.40 7.95 9.71
N GLU A 152 -3.23 8.99 9.84
CA GLU A 152 -4.57 8.78 10.38
C GLU A 152 -5.50 8.09 9.40
N GLY A 153 -5.26 8.28 8.09
CA GLY A 153 -6.13 7.74 7.06
C GLY A 153 -5.58 6.51 6.36
N GLY A 154 -4.64 5.82 7.02
CA GLY A 154 -4.02 4.64 6.35
C GLY A 154 -5.05 3.56 6.10
N ILE A 155 -4.96 2.95 4.91
CA ILE A 155 -5.83 1.85 4.53
C ILE A 155 -4.98 0.67 4.00
N THR A 156 -5.29 -0.53 4.50
CA THR A 156 -4.79 -1.80 3.98
C THR A 156 -5.89 -2.41 3.11
N TRP A 157 -5.56 -2.88 1.92
CA TRP A 157 -6.54 -3.27 0.90
C TRP A 157 -6.46 -4.76 0.64
N THR A 158 -7.60 -5.44 0.57
CA THR A 158 -7.60 -6.89 0.39
C THR A 158 -8.50 -7.32 -0.78
N TRP A 159 -8.17 -8.43 -1.41
CA TRP A 159 -8.98 -9.00 -2.47
C TRP A 159 -8.63 -10.48 -2.65
N GLN A 160 -9.29 -11.15 -3.58
CA GLN A 160 -8.97 -12.50 -3.95
C GLN A 160 -8.50 -12.52 -5.37
N SER A 161 -7.47 -13.30 -5.70
CA SER A 161 -7.07 -13.54 -7.05
C SER A 161 -7.00 -15.04 -7.28
N CYS A 162 -7.31 -15.47 -8.52
CA CYS A 162 -7.47 -16.89 -8.83
C CYS A 162 -6.74 -17.20 -10.13
N GLU A 163 -6.29 -18.46 -10.18
CA GLU A 163 -5.71 -19.05 -11.40
C GLU A 163 -6.45 -20.37 -11.70
N GLN A 164 -7.21 -20.42 -12.82
CA GLN A 164 -8.08 -21.56 -13.16
C GLN A 164 -8.82 -22.06 -11.93
N GLY A 165 -9.37 -21.09 -11.20
CA GLY A 165 -10.23 -21.38 -10.09
C GLY A 165 -9.58 -21.72 -8.78
N LYS A 166 -8.25 -21.68 -8.71
CA LYS A 166 -7.52 -21.81 -7.43
C LYS A 166 -7.22 -20.43 -6.87
N CYS A 167 -7.87 -20.05 -5.79
CA CYS A 167 -7.86 -18.67 -5.31
C CYS A 167 -7.04 -18.47 -4.04
N LYS A 168 -6.48 -17.26 -3.92
CA LYS A 168 -5.72 -16.84 -2.75
C LYS A 168 -6.21 -15.47 -2.29
N ASP A 169 -6.18 -15.28 -0.98
CA ASP A 169 -6.46 -13.99 -0.37
C ASP A 169 -5.20 -13.13 -0.35
N VAL A 170 -5.27 -11.99 -1.02
CA VAL A 170 -4.14 -11.07 -1.21
C VAL A 170 -4.37 -9.82 -0.36
N VAL A 171 -3.30 -9.35 0.29
CA VAL A 171 -3.33 -8.19 1.14
C VAL A 171 -2.23 -7.22 0.68
N PHE A 172 -2.60 -5.97 0.37
CA PHE A 172 -1.65 -4.90 0.16
C PHE A 172 -1.57 -4.16 1.48
N ALA A 173 -0.50 -4.42 2.23
CA ALA A 173 -0.38 -4.04 3.61
C ALA A 173 0.20 -2.61 3.71
N ASP A 174 -0.58 -1.69 4.28
CA ASP A 174 -0.07 -0.37 4.60
C ASP A 174 1.03 -0.47 5.63
N SER A 175 1.85 0.59 5.66
CA SER A 175 2.87 0.70 6.70
CA SER A 175 2.87 0.75 6.71
C SER A 175 2.25 0.83 8.10
N LEU A 176 2.84 0.12 9.06
CA LEU A 176 2.43 0.11 10.46
C LEU A 176 3.51 0.67 11.38
N THR A 177 4.41 1.48 10.82
CA THR A 177 5.62 1.87 11.51
C THR A 177 5.53 3.17 12.30
N ALA A 178 6.01 3.10 13.53
CA ALA A 178 6.12 4.23 14.43
C ALA A 178 7.45 4.94 14.19
N VAL A 179 7.41 5.96 13.35
CA VAL A 179 8.57 6.78 13.03
C VAL A 179 8.21 8.21 13.25
N SER A 180 9.18 9.02 13.66
CA SER A 180 8.84 10.42 13.86
C SER A 180 9.98 11.34 13.57
N ALA A 181 9.59 12.62 13.56
CA ALA A 181 10.52 13.75 13.73
C ALA A 181 11.19 13.69 15.09
N ASP A 182 12.34 14.31 15.20
CA ASP A 182 13.09 14.31 16.46
C ASP A 182 12.36 14.94 17.61
N SER A 183 11.52 15.92 17.33
CA SER A 183 10.80 16.64 18.35
C SER A 183 9.51 15.97 18.85
N TYR A 184 9.22 14.76 18.34
CA TYR A 184 7.95 14.07 18.61
C TYR A 184 8.12 12.96 19.64
N ARG A 185 7.20 12.90 20.58
CA ARG A 185 7.17 11.86 21.59
C ARG A 185 5.88 11.05 21.49
N PHE A 186 6.01 9.77 21.14
CA PHE A 186 4.83 8.91 21.00
C PHE A 186 4.11 8.80 22.34
N SER A 187 4.85 8.80 23.43
CA SER A 187 4.27 8.71 24.77
C SER A 187 3.37 9.89 25.11
N ASP A 188 3.40 10.96 24.32
CA ASP A 188 2.54 12.11 24.55
C ASP A 188 1.32 12.11 23.65
N HIS A 189 1.21 11.13 22.73
CA HIS A 189 0.18 11.17 21.70
C HIS A 189 -0.65 9.89 21.73
N PRO A 190 -1.65 9.88 22.61
CA PRO A 190 -2.31 8.61 22.84
C PRO A 190 -3.15 8.12 21.64
N GLU A 191 -3.67 9.03 20.82
CA GLU A 191 -4.49 8.62 19.67
C GLU A 191 -3.62 7.86 18.67
N VAL A 192 -2.39 8.32 18.43
CA VAL A 192 -1.50 7.61 17.50
C VAL A 192 -1.13 6.24 18.02
N VAL A 193 -0.76 6.14 19.30
CA VAL A 193 -0.48 4.84 19.90
C VAL A 193 -1.66 3.86 19.84
N ALA A 194 -2.85 4.36 20.22
CA ALA A 194 -4.02 3.50 20.17
C ALA A 194 -4.32 3.07 18.75
N SER A 195 -4.13 3.98 17.78
CA SER A 195 -4.39 3.63 16.38
C SER A 195 -3.43 2.56 15.89
N LEU A 196 -2.15 2.73 16.17
CA LEU A 196 -1.16 1.72 15.80
C LEU A 196 -1.52 0.36 16.42
N ARG A 197 -1.87 0.34 17.70
CA ARG A 197 -2.17 -0.94 18.32
C ARG A 197 -3.38 -1.58 17.72
N GLY A 198 -4.44 -0.80 17.46
CA GLY A 198 -5.60 -1.35 16.78
C GLY A 198 -5.28 -1.91 15.41
N SER A 199 -4.34 -1.28 14.74
CA SER A 199 -3.97 -1.72 13.42
C SER A 199 -3.16 -3.00 13.44
N PHE A 200 -2.26 -3.13 14.42
CA PHE A 200 -1.54 -4.41 14.55
C PHE A 200 -2.53 -5.58 14.75
N GLU A 201 -3.56 -5.35 15.55
CA GLU A 201 -4.57 -6.37 15.80
CA GLU A 201 -4.58 -6.36 15.81
C GLU A 201 -5.39 -6.64 14.55
N ALA A 202 -5.77 -5.61 13.80
CA ALA A 202 -6.57 -5.84 12.61
C ALA A 202 -5.76 -6.64 11.59
N VAL A 203 -4.52 -6.24 11.38
CA VAL A 203 -3.71 -6.84 10.33
C VAL A 203 -3.42 -8.30 10.66
N GLU A 204 -3.11 -8.58 11.92
CA GLU A 204 -2.77 -9.97 12.26
C GLU A 204 -3.99 -10.89 12.18
N LYS A 205 -5.21 -10.36 12.14
CA LYS A 205 -6.43 -11.16 11.95
C LYS A 205 -6.82 -11.37 10.47
N LEU A 206 -6.21 -10.66 9.52
CA LEU A 206 -6.66 -10.71 8.12
C LEU A 206 -6.48 -12.11 7.55
N SER A 207 -7.41 -12.52 6.68
CA SER A 207 -7.16 -13.61 5.74
CA SER A 207 -7.11 -13.62 5.78
C SER A 207 -6.03 -13.19 4.80
N CYS A 208 -4.93 -13.92 4.76
CA CYS A 208 -3.71 -13.38 4.23
C CYS A 208 -2.79 -14.42 3.61
N ASP A 209 -3.16 -14.96 2.49
CA ASP A 209 -2.28 -15.90 1.81
C ASP A 209 -1.05 -15.24 1.22
N ILE A 210 -1.22 -14.07 0.57
CA ILE A 210 -0.13 -13.35 -0.07
C ILE A 210 -0.17 -11.93 0.43
N ALA A 211 0.90 -11.51 1.11
CA ALA A 211 1.00 -10.11 1.53
C ALA A 211 2.02 -9.40 0.67
N ILE A 212 1.61 -8.23 0.19
CA ILE A 212 2.47 -7.30 -0.53
C ILE A 212 2.57 -6.05 0.33
N ALA A 213 3.73 -5.82 0.93
CA ALA A 213 3.88 -4.68 1.84
C ALA A 213 4.25 -3.41 1.05
N ALA A 214 3.76 -2.27 1.47
CA ALA A 214 4.00 -1.01 0.78
C ALA A 214 5.49 -0.79 0.49
N HIS A 215 6.33 -1.07 1.50
CA HIS A 215 7.78 -1.26 1.24
C HIS A 215 8.02 -2.75 1.06
N PRO A 216 8.31 -3.16 -0.20
CA PRO A 216 8.19 -4.60 -0.53
C PRO A 216 9.06 -5.50 0.29
N GLU A 217 10.20 -5.00 0.70
CA GLU A 217 11.14 -5.79 1.51
C GLU A 217 10.60 -6.15 2.87
N VAL A 218 9.58 -5.42 3.31
CA VAL A 218 8.93 -5.77 4.57
C VAL A 218 8.44 -7.21 4.63
N ASN A 219 7.97 -7.76 3.51
CA ASN A 219 7.66 -9.18 3.42
C ASN A 219 8.59 -9.87 2.42
N ASP A 220 9.84 -9.40 2.36
CA ASP A 220 10.92 -10.11 1.64
C ASP A 220 10.58 -10.35 0.19
N MET A 221 10.02 -9.34 -0.48
CA MET A 221 9.58 -9.50 -1.85
C MET A 221 10.67 -10.00 -2.78
N TRP A 222 11.87 -9.48 -2.62
CA TRP A 222 12.92 -9.78 -3.61
C TRP A 222 13.51 -11.18 -3.39
N THR A 223 13.65 -11.58 -2.15
CA THR A 223 13.98 -12.97 -1.86
C THR A 223 12.90 -13.91 -2.36
N ARG A 224 11.64 -13.54 -2.22
CA ARG A 224 10.53 -14.36 -2.70
C ARG A 224 10.55 -14.45 -4.22
N GLN A 225 10.79 -13.34 -4.90
CA GLN A 225 10.81 -13.36 -6.36
C GLN A 225 11.92 -14.25 -6.88
N GLN A 226 13.09 -14.21 -6.21
CA GLN A 226 14.20 -15.09 -6.60
C GLN A 226 13.83 -16.54 -6.37
N ARG A 227 13.19 -16.85 -5.27
CA ARG A 227 12.69 -18.19 -5.04
C ARG A 227 11.70 -18.60 -6.11
N ALA A 228 10.85 -17.68 -6.56
CA ALA A 228 9.80 -17.99 -7.54
C ALA A 228 10.33 -18.47 -8.88
N ALA A 229 11.53 -18.05 -9.24
CA ALA A 229 12.13 -18.49 -10.50
C ALA A 229 12.18 -20.01 -10.57
N LYS A 230 12.47 -20.64 -9.45
CA LYS A 230 12.50 -22.09 -9.28
C LYS A 230 11.14 -22.64 -8.85
N GLU A 231 10.58 -22.07 -7.78
CA GLU A 231 9.44 -22.62 -7.04
C GLU A 231 8.10 -22.26 -7.71
N GLY A 232 8.07 -21.23 -8.55
CA GLY A 232 6.83 -20.68 -9.06
C GLY A 232 6.21 -19.72 -8.04
N ASN A 233 4.97 -19.33 -8.26
N ASN A 233 4.97 -19.30 -8.29
CA ASN A 233 4.42 -18.22 -7.47
CA ASN A 233 4.34 -18.23 -7.50
C ASN A 233 3.88 -18.62 -6.09
C ASN A 233 4.02 -18.60 -6.06
N SER A 234 4.03 -19.89 -5.74
CA SER A 234 3.90 -20.30 -4.37
CA SER A 234 3.93 -20.34 -4.36
C SER A 234 4.93 -19.63 -3.45
N ALA A 235 6.05 -19.17 -4.04
CA ALA A 235 7.05 -18.42 -3.26
C ALA A 235 6.51 -17.16 -2.60
N TYR A 236 5.45 -16.58 -3.18
CA TYR A 236 4.84 -15.37 -2.62
C TYR A 236 3.85 -15.69 -1.53
N VAL A 237 3.40 -16.94 -1.45
CA VAL A 237 2.37 -17.40 -0.55
C VAL A 237 3.00 -17.72 0.79
N ASP A 238 2.45 -17.16 1.86
CA ASP A 238 2.90 -17.38 3.22
C ASP A 238 1.82 -16.80 4.10
N ASN A 239 0.92 -17.64 4.59
CA ASN A 239 -0.21 -17.18 5.35
C ASN A 239 0.08 -16.65 6.74
N GLY A 240 1.37 -16.65 7.12
CA GLY A 240 1.79 -15.94 8.33
C GLY A 240 2.32 -14.54 8.10
N ALA A 241 2.33 -14.09 6.86
CA ALA A 241 3.01 -12.84 6.57
C ALA A 241 2.35 -11.61 7.20
N CYS A 242 1.05 -11.55 7.21
CA CYS A 242 0.39 -10.41 7.86
C CYS A 242 0.65 -10.41 9.35
N ARG A 243 0.60 -11.58 9.97
CA ARG A 243 0.99 -11.72 11.36
C ARG A 243 2.41 -11.23 11.64
N ALA A 244 3.31 -11.48 10.72
CA ALA A 244 4.70 -11.05 10.86
C ALA A 244 4.82 -9.55 10.68
N ILE A 245 4.12 -8.98 9.69
CA ILE A 245 4.21 -7.52 9.49
C ILE A 245 3.66 -6.80 10.74
N ALA A 246 2.56 -7.30 11.29
CA ALA A 246 1.99 -6.72 12.50
C ALA A 246 2.95 -6.84 13.70
N ALA A 247 3.58 -8.01 13.85
CA ALA A 247 4.49 -8.25 14.95
C ALA A 247 5.65 -7.28 14.84
N ALA A 248 6.17 -7.05 13.65
CA ALA A 248 7.26 -6.13 13.49
C ALA A 248 6.84 -4.70 13.81
N GLY A 249 5.61 -4.36 13.48
CA GLY A 249 5.08 -3.05 13.85
C GLY A 249 5.00 -2.90 15.35
N ARG A 250 4.42 -3.91 16.01
CA ARG A 250 4.35 -3.89 17.46
C ARG A 250 5.72 -3.78 18.11
N LYS A 251 6.67 -4.52 17.57
CA LYS A 251 8.05 -4.44 18.15
C LYS A 251 8.66 -3.05 17.98
N ARG A 252 8.46 -2.44 16.82
CA ARG A 252 9.01 -1.12 16.61
C ARG A 252 8.39 -0.10 17.57
N LEU A 253 7.08 -0.20 17.79
CA LEU A 253 6.43 0.73 18.71
C LEU A 253 6.90 0.48 20.16
N GLU A 254 6.93 -0.78 20.57
CA GLU A 254 7.35 -1.08 21.93
C GLU A 254 8.78 -0.68 22.19
N THR A 255 9.66 -0.94 21.22
CA THR A 255 11.07 -0.46 21.34
C THR A 255 11.07 1.05 21.56
N ARG A 256 10.28 1.76 20.76
CA ARG A 256 10.26 3.24 20.82
C ARG A 256 9.70 3.75 22.16
N LEU A 257 8.60 3.16 22.62
CA LEU A 257 8.02 3.62 23.89
C LEU A 257 9.01 3.37 25.03
N ALA A 258 9.70 2.23 24.99
CA ALA A 258 10.70 1.95 26.00
C ALA A 258 11.82 2.96 25.95
N SER A 259 12.25 3.33 24.75
CA SER A 259 13.34 4.30 24.60
C SER A 259 12.94 5.66 25.16
N GLU A 260 11.65 5.98 25.11
CA GLU A 260 11.11 7.26 25.62
C GLU A 260 10.93 7.35 27.13
N LYS A 261 11.07 6.23 27.84
CA LYS A 261 10.74 6.19 29.25
C LYS A 261 11.85 6.82 30.07
#